data_6AO0
#
_entry.id   6AO0
#
_cell.length_a   109.060
_cell.length_b   86.590
_cell.length_c   45.890
_cell.angle_alpha   90.000
_cell.angle_beta   100.570
_cell.angle_gamma   90.000
#
_symmetry.space_group_name_H-M   'C 1 2 1'
#
loop_
_entity.id
_entity.type
_entity.pdbx_description
1 polymer 'CAT192 Fab Light chain'
2 polymer 'CAT192 Fab Heavy chain'
3 non-polymer 'SULFATE ION'
4 water water
#
loop_
_entity_poly.entity_id
_entity_poly.type
_entity_poly.pdbx_seq_one_letter_code
_entity_poly.pdbx_strand_id
1 'polypeptide(L)'
;EIVLTQSPSSLSASVGDRVTITCRASQGIGDDLGWYQQKPGKAPILLIYGTSTLQSGVPSRFSGSGSGTDFTLTINSLQP
EDFATYYCLQDSNYPLTFGGGTRLEIKGGRTVAAPSVFIFPPSDEQLKSGTASVVCLLNNFYPREAKVQWKVDNALQSGN
SQESVTEQDSKDSTYSLSSTLTLSKADYEKHKVYACEVTHQGLSSPVTKSFNRGEC
;
L
2 'polypeptide(L)'
;EVQLVESGGGVVQPGRSLRLSCAASGFTFSSYGMHWVRQAPGKELEWVAVISYDGSIKYYADSVKGRFTISRDNSKNTLY
LQMNSLRAEDTAVYYCARTGEYSGYDTDPQYSWGQGTTVTVSGGSASTKGPSVFPLAPCSRSTSESTAALGCLVKDYFPE
PVTVSWNSGALTSGVHTFPAVLQSSGLYSLSSVVTVPSSSLGTKTYTCNVDHKPSNTKVDKRVHHHHHH
;
H
#
loop_
_chem_comp.id
_chem_comp.type
_chem_comp.name
_chem_comp.formula
SO4 non-polymer 'SULFATE ION' 'O4 S -2'
#
# COMPACT_ATOMS: atom_id res chain seq x y z
N GLU A 1 -16.97 2.02 1.77
CA GLU A 1 -16.86 0.97 2.76
C GLU A 1 -16.97 1.53 4.18
N ILE A 2 -17.08 0.64 5.17
CA ILE A 2 -17.17 1.06 6.56
C ILE A 2 -15.77 1.33 7.09
N VAL A 3 -15.58 2.51 7.68
CA VAL A 3 -14.30 2.91 8.24
C VAL A 3 -14.36 2.75 9.76
N LEU A 4 -13.36 2.05 10.31
CA LEU A 4 -13.24 1.86 11.75
C LEU A 4 -12.05 2.69 12.25
N THR A 5 -12.33 3.60 13.18
CA THR A 5 -11.30 4.47 13.74
C THR A 5 -10.93 3.97 15.14
N GLN A 6 -9.68 3.53 15.28
CA GLN A 6 -9.19 3.05 16.56
C GLN A 6 -8.53 4.18 17.35
N SER A 7 -8.60 4.06 18.68
CA SER A 7 -7.97 5.00 19.59
C SER A 7 -7.56 4.26 20.85
N PRO A 8 -6.33 4.48 21.35
CA PRO A 8 -5.35 5.37 20.73
C PRO A 8 -4.53 4.68 19.64
N SER A 9 -3.65 5.44 18.98
CA SER A 9 -2.82 4.85 17.93
C SER A 9 -1.73 3.97 18.53
N SER A 10 -1.07 4.45 19.57
CA SER A 10 -0.03 3.71 20.26
C SER A 10 -0.27 3.78 21.76
N LEU A 11 0.39 2.88 22.49
CA LEU A 11 0.24 2.85 23.95
C LEU A 11 1.48 2.18 24.54
N SER A 12 2.28 2.96 25.26
CA SER A 12 3.42 2.43 25.99
C SER A 12 2.99 2.15 27.42
N ALA A 13 3.03 0.89 27.82
CA ALA A 13 2.59 0.48 29.14
C ALA A 13 3.64 -0.43 29.77
N SER A 14 3.35 -0.88 30.99
CA SER A 14 4.19 -1.82 31.71
C SER A 14 3.34 -3.00 32.15
N VAL A 15 4.01 -4.05 32.61
CA VAL A 15 3.32 -5.28 33.00
C VAL A 15 2.33 -4.98 34.12
N GLY A 16 1.08 -5.43 33.95
CA GLY A 16 0.07 -5.33 34.98
C GLY A 16 -0.86 -4.14 34.89
N ASP A 17 -0.69 -3.27 33.90
CA ASP A 17 -1.55 -2.10 33.78
C ASP A 17 -2.87 -2.47 33.10
N ARG A 18 -3.88 -1.63 33.34
CA ARG A 18 -5.17 -1.75 32.68
C ARG A 18 -5.17 -0.88 31.43
N VAL A 19 -5.62 -1.44 30.32
CA VAL A 19 -5.54 -0.78 29.02
C VAL A 19 -6.90 -0.92 28.33
N THR A 20 -7.40 0.19 27.78
CA THR A 20 -8.65 0.21 27.02
C THR A 20 -8.40 0.74 25.62
N ILE A 21 -9.03 0.10 24.63
CA ILE A 21 -8.88 0.46 23.23
C ILE A 21 -10.26 0.61 22.62
N THR A 22 -10.50 1.73 21.95
CA THR A 22 -11.79 2.04 21.38
C THR A 22 -11.77 1.91 19.85
N CYS A 23 -12.93 1.60 19.29
CA CYS A 23 -13.11 1.46 17.85
C CYS A 23 -14.47 2.02 17.49
N ARG A 24 -14.49 3.06 16.66
CA ARG A 24 -15.73 3.74 16.26
C ARG A 24 -15.98 3.50 14.78
N ALA A 25 -17.21 3.15 14.44
CA ALA A 25 -17.60 2.80 13.08
C ALA A 25 -18.32 3.95 12.39
N SER A 26 -18.14 4.04 11.08
CA SER A 26 -18.81 5.05 10.27
C SER A 26 -20.32 4.87 10.26
N GLN A 27 -20.81 3.64 10.47
CA GLN A 27 -22.24 3.37 10.53
C GLN A 27 -22.46 2.24 11.51
N GLY A 28 -23.72 2.04 11.88
CA GLY A 28 -24.05 0.96 12.78
C GLY A 28 -23.66 -0.39 12.20
N ILE A 29 -23.03 -1.22 13.03
CA ILE A 29 -22.60 -2.54 12.60
C ILE A 29 -23.11 -3.60 13.57
N GLY A 30 -24.01 -3.19 14.47
CA GLY A 30 -24.60 -4.14 15.40
C GLY A 30 -23.56 -4.80 16.26
N ASP A 31 -23.71 -6.12 16.45
CA ASP A 31 -22.77 -6.93 17.20
C ASP A 31 -21.64 -7.48 16.34
N ASP A 32 -21.58 -7.12 15.07
CA ASP A 32 -20.64 -7.72 14.13
C ASP A 32 -19.28 -7.01 14.18
N LEU A 33 -18.65 -7.08 15.35
CA LEU A 33 -17.31 -6.52 15.53
C LEU A 33 -16.46 -7.49 16.32
N GLY A 34 -15.22 -7.68 15.87
CA GLY A 34 -14.30 -8.56 16.55
C GLY A 34 -12.97 -7.85 16.81
N TRP A 35 -12.25 -8.37 17.80
CA TRP A 35 -10.94 -7.85 18.18
C TRP A 35 -9.88 -8.88 17.86
N TYR A 36 -8.79 -8.44 17.22
CA TYR A 36 -7.73 -9.31 16.76
C TYR A 36 -6.39 -8.87 17.34
N GLN A 37 -5.52 -9.84 17.56
CA GLN A 37 -4.19 -9.61 18.11
C GLN A 37 -3.15 -10.06 17.10
N GLN A 38 -2.21 -9.18 16.77
CA GLN A 38 -1.17 -9.46 15.80
C GLN A 38 0.19 -9.24 16.44
N LYS A 39 1.04 -10.25 16.41
CA LYS A 39 2.42 -10.20 16.86
C LYS A 39 3.35 -10.15 15.67
N PRO A 40 4.56 -9.60 15.83
CA PRO A 40 5.48 -9.46 14.70
C PRO A 40 5.78 -10.79 14.03
N GLY A 41 5.69 -10.80 12.70
CA GLY A 41 5.93 -12.00 11.93
C GLY A 41 4.77 -12.97 11.88
N LYS A 42 3.59 -12.57 12.34
CA LYS A 42 2.42 -13.44 12.36
C LYS A 42 1.19 -12.67 11.93
N ALA A 43 0.17 -13.40 11.50
CA ALA A 43 -1.09 -12.80 11.09
C ALA A 43 -1.97 -12.49 12.29
N PRO A 44 -2.95 -11.62 12.14
CA PRO A 44 -3.87 -11.33 13.26
C PRO A 44 -4.64 -12.57 13.69
N ILE A 45 -4.69 -12.77 15.01
CA ILE A 45 -5.41 -13.87 15.64
C ILE A 45 -6.70 -13.34 16.24
N LEU A 46 -7.79 -14.09 16.09
CA LEU A 46 -9.05 -13.67 16.70
C LEU A 46 -9.02 -13.90 18.20
N LEU A 47 -9.32 -12.85 18.96
CA LEU A 47 -9.44 -12.94 20.41
C LEU A 47 -10.90 -12.90 20.87
N ILE A 48 -11.65 -11.92 20.40
CA ILE A 48 -13.04 -11.70 20.81
C ILE A 48 -13.87 -11.48 19.56
N TYR A 49 -15.00 -12.17 19.47
CA TYR A 49 -15.98 -11.97 18.41
C TYR A 49 -17.33 -11.67 19.03
N GLY A 50 -18.24 -11.16 18.20
CA GLY A 50 -19.54 -10.74 18.70
C GLY A 50 -19.46 -9.65 19.73
N THR A 51 -18.47 -8.75 19.61
CA THR A 51 -18.20 -7.63 20.52
C THR A 51 -17.72 -8.07 21.89
N SER A 52 -18.23 -9.18 22.42
CA SER A 52 -17.93 -9.54 23.80
C SER A 52 -17.61 -11.02 24.04
N THR A 53 -17.78 -11.91 23.06
CA THR A 53 -17.58 -13.33 23.29
C THR A 53 -16.11 -13.69 23.09
N LEU A 54 -15.47 -14.18 24.15
CA LEU A 54 -14.07 -14.56 24.07
C LEU A 54 -13.90 -15.87 23.30
N GLN A 55 -12.88 -15.92 22.45
CA GLN A 55 -12.54 -17.16 21.79
C GLN A 55 -11.96 -18.16 22.80
N SER A 56 -12.17 -19.44 22.53
CA SER A 56 -11.69 -20.48 23.42
C SER A 56 -10.18 -20.39 23.59
N GLY A 57 -9.73 -20.37 24.84
CA GLY A 57 -8.33 -20.25 25.17
C GLY A 57 -7.87 -18.83 25.50
N VAL A 58 -8.69 -17.83 25.22
CA VAL A 58 -8.33 -16.44 25.53
C VAL A 58 -8.50 -16.22 27.02
N PRO A 59 -7.49 -15.64 27.70
CA PRO A 59 -7.60 -15.46 29.15
C PRO A 59 -8.72 -14.51 29.53
N SER A 60 -9.23 -14.68 30.75
CA SER A 60 -10.37 -13.89 31.21
C SER A 60 -10.06 -12.41 31.33
N ARG A 61 -8.78 -12.03 31.37
CA ARG A 61 -8.42 -10.62 31.48
C ARG A 61 -8.74 -9.83 30.22
N PHE A 62 -9.08 -10.50 29.12
CA PHE A 62 -9.55 -9.83 27.91
C PHE A 62 -11.06 -9.75 27.95
N SER A 63 -11.60 -8.58 27.61
CA SER A 63 -13.04 -8.37 27.59
C SER A 63 -13.38 -7.32 26.56
N GLY A 64 -14.59 -7.41 26.02
CA GLY A 64 -15.05 -6.46 25.03
C GLY A 64 -16.46 -6.03 25.31
N SER A 65 -16.80 -4.82 24.86
CA SER A 65 -18.12 -4.25 25.09
C SER A 65 -18.46 -3.33 23.92
N GLY A 66 -19.64 -2.71 24.01
CA GLY A 66 -20.13 -1.84 22.97
C GLY A 66 -21.18 -2.52 22.12
N SER A 67 -21.98 -1.70 21.44
CA SER A 67 -23.04 -2.22 20.57
C SER A 67 -23.45 -1.12 19.60
N GLY A 68 -23.24 -1.36 18.31
CA GLY A 68 -23.66 -0.42 17.29
C GLY A 68 -22.53 0.33 16.63
N THR A 69 -21.96 1.31 17.34
CA THR A 69 -20.99 2.21 16.76
C THR A 69 -19.68 2.25 17.55
N ASP A 70 -19.78 2.46 18.87
CA ASP A 70 -18.61 2.59 19.73
C ASP A 70 -18.34 1.25 20.42
N PHE A 71 -17.11 0.78 20.31
CA PHE A 71 -16.71 -0.52 20.84
C PHE A 71 -15.40 -0.38 21.61
N THR A 72 -15.23 -1.21 22.64
CA THR A 72 -14.11 -1.07 23.55
C THR A 72 -13.51 -2.43 23.87
N LEU A 73 -12.19 -2.53 23.77
CA LEU A 73 -11.43 -3.70 24.21
C LEU A 73 -10.69 -3.34 25.48
N THR A 74 -10.75 -4.22 26.48
CA THR A 74 -10.15 -3.95 27.78
C THR A 74 -9.28 -5.13 28.19
N ILE A 75 -8.00 -4.85 28.44
CA ILE A 75 -7.06 -5.84 28.95
C ILE A 75 -6.69 -5.45 30.37
N ASN A 76 -7.18 -6.22 31.34
CA ASN A 76 -6.88 -5.97 32.74
C ASN A 76 -5.62 -6.73 33.14
N SER A 77 -4.71 -6.02 33.81
CA SER A 77 -3.44 -6.59 34.26
C SER A 77 -2.66 -7.18 33.09
N LEU A 78 -1.89 -6.34 32.39
CA LEU A 78 -1.16 -6.79 31.21
C LEU A 78 -0.12 -7.85 31.58
N GLN A 79 0.05 -8.82 30.69
CA GLN A 79 1.09 -9.82 30.79
C GLN A 79 2.15 -9.59 29.73
N PRO A 80 3.35 -10.15 29.90
CA PRO A 80 4.39 -9.96 28.87
C PRO A 80 3.98 -10.41 27.49
N GLU A 81 3.12 -11.43 27.38
CA GLU A 81 2.70 -11.94 26.08
C GLU A 81 1.58 -11.11 25.45
N ASP A 82 1.01 -10.14 26.17
CA ASP A 82 -0.06 -9.33 25.62
C ASP A 82 0.42 -8.17 24.77
N PHE A 83 1.70 -7.82 24.86
CA PHE A 83 2.22 -6.69 24.10
C PHE A 83 2.31 -7.06 22.63
N ALA A 84 1.45 -6.45 21.82
CA ALA A 84 1.34 -6.74 20.39
C ALA A 84 0.51 -5.63 19.76
N THR A 85 0.04 -5.86 18.54
CA THR A 85 -0.84 -4.95 17.85
C THR A 85 -2.27 -5.50 17.86
N TYR A 86 -3.23 -4.62 18.12
CA TYR A 86 -4.62 -5.00 18.25
C TYR A 86 -5.46 -4.28 17.21
N TYR A 87 -6.30 -5.03 16.50
CA TYR A 87 -7.18 -4.50 15.48
C TYR A 87 -8.63 -4.82 15.81
N CYS A 88 -9.52 -3.91 15.46
CA CYS A 88 -10.95 -4.19 15.44
C CYS A 88 -11.37 -4.51 14.02
N LEU A 89 -12.29 -5.46 13.87
CA LEU A 89 -12.73 -5.93 12.56
C LEU A 89 -14.25 -6.01 12.55
N GLN A 90 -14.86 -5.45 11.50
CA GLN A 90 -16.30 -5.55 11.29
C GLN A 90 -16.57 -6.50 10.13
N ASP A 91 -17.53 -7.41 10.32
CA ASP A 91 -18.03 -8.25 9.24
C ASP A 91 -19.53 -8.02 9.04
N SER A 92 -19.99 -6.81 9.29
CA SER A 92 -21.38 -6.46 9.07
C SER A 92 -21.69 -6.25 7.60
N ASN A 93 -20.82 -5.50 6.91
CA ASN A 93 -21.01 -5.17 5.51
C ASN A 93 -19.78 -5.59 4.70
N TYR A 94 -20.01 -6.03 3.48
CA TYR A 94 -18.91 -6.24 2.55
C TYR A 94 -18.41 -4.88 2.06
N PRO A 95 -17.08 -4.68 2.00
CA PRO A 95 -16.06 -5.68 2.35
C PRO A 95 -15.67 -5.64 3.83
N LEU A 96 -15.03 -6.72 4.29
CA LEU A 96 -14.48 -6.73 5.63
C LEU A 96 -13.41 -5.64 5.75
N THR A 97 -13.51 -4.83 6.80
CA THR A 97 -12.60 -3.72 7.00
C THR A 97 -12.01 -3.77 8.41
N PHE A 98 -10.71 -3.55 8.49
CA PHE A 98 -10.00 -3.52 9.76
C PHE A 98 -9.90 -2.08 10.28
N GLY A 99 -9.61 -1.96 11.56
CA GLY A 99 -9.23 -0.68 12.14
C GLY A 99 -7.79 -0.35 11.79
N GLY A 100 -7.38 0.85 12.20
CA GLY A 100 -6.01 1.28 11.99
C GLY A 100 -4.99 0.53 12.82
N GLY A 101 -5.41 -0.08 13.91
CA GLY A 101 -4.52 -0.82 14.78
C GLY A 101 -4.03 0.01 15.94
N THR A 102 -3.75 -0.67 17.06
CA THR A 102 -3.22 -0.03 18.26
C THR A 102 -1.98 -0.79 18.71
N ARG A 103 -0.82 -0.16 18.60
CA ARG A 103 0.43 -0.78 19.03
C ARG A 103 0.57 -0.63 20.53
N LEU A 104 0.51 -1.75 21.25
CA LEU A 104 0.72 -1.76 22.69
C LEU A 104 2.14 -2.27 22.94
N GLU A 105 3.02 -1.36 23.37
CA GLU A 105 4.44 -1.65 23.47
C GLU A 105 4.95 -1.45 24.89
N ILE A 106 6.09 -2.08 25.18
CA ILE A 106 6.73 -1.92 26.48
C ILE A 106 7.23 -0.48 26.62
N LYS A 107 7.34 -0.02 27.87
CA LYS A 107 7.86 1.32 28.10
C LYS A 107 9.38 1.37 27.98
N GLY A 108 10.06 0.37 28.54
CA GLY A 108 11.51 0.31 28.44
C GLY A 108 11.99 -0.48 27.24
N GLY A 109 11.72 0.04 26.05
CA GLY A 109 12.11 -0.64 24.83
C GLY A 109 12.69 0.25 23.75
N ARG A 110 12.36 1.54 23.78
CA ARG A 110 12.83 2.49 22.77
C ARG A 110 14.19 3.07 23.18
N THR A 111 15.19 2.18 23.22
CA THR A 111 16.54 2.61 23.55
C THR A 111 17.22 3.20 22.32
N VAL A 112 18.20 4.08 22.58
CA VAL A 112 18.94 4.72 21.49
C VAL A 112 19.82 3.68 20.81
N ALA A 113 19.79 3.67 19.47
CA ALA A 113 20.55 2.73 18.67
C ALA A 113 21.30 3.49 17.59
N ALA A 114 22.59 3.18 17.45
CA ALA A 114 23.42 3.85 16.47
C ALA A 114 23.19 3.24 15.08
N PRO A 115 23.17 4.07 14.03
CA PRO A 115 22.95 3.55 12.68
C PRO A 115 24.21 2.92 12.11
N SER A 116 24.06 1.70 11.58
CA SER A 116 25.11 1.09 10.79
C SER A 116 25.07 1.69 9.39
N VAL A 117 26.18 2.30 8.97
CA VAL A 117 26.25 3.07 7.74
C VAL A 117 27.02 2.28 6.70
N PHE A 118 26.48 2.19 5.49
CA PHE A 118 27.12 1.52 4.36
C PHE A 118 26.98 2.40 3.12
N ILE A 119 28.03 2.41 2.29
CA ILE A 119 28.07 3.24 1.09
C ILE A 119 28.24 2.32 -0.12
N PHE A 120 27.45 2.56 -1.16
CA PHE A 120 27.48 1.74 -2.36
C PHE A 120 27.90 2.57 -3.56
N PRO A 121 28.92 2.18 -4.30
CA PRO A 121 29.29 2.89 -5.52
C PRO A 121 28.31 2.57 -6.64
N PRO A 122 28.30 3.38 -7.71
CA PRO A 122 27.43 3.04 -8.84
C PRO A 122 27.93 1.81 -9.56
N SER A 123 26.98 0.99 -10.03
CA SER A 123 27.33 -0.22 -10.75
C SER A 123 27.93 0.11 -12.12
N ASP A 124 28.76 -0.80 -12.61
CA ASP A 124 29.35 -0.61 -13.94
C ASP A 124 28.28 -0.62 -15.03
N GLU A 125 27.16 -1.32 -14.80
CA GLU A 125 26.09 -1.35 -15.78
C GLU A 125 25.41 0.00 -15.92
N GLN A 126 25.17 0.68 -14.78
CA GLN A 126 24.49 1.97 -14.83
C GLN A 126 25.36 3.05 -15.45
N LEU A 127 26.68 2.94 -15.32
CA LEU A 127 27.58 3.98 -15.82
C LEU A 127 27.52 4.11 -17.34
N LYS A 128 27.23 3.03 -18.05
CA LYS A 128 27.23 3.05 -19.50
C LYS A 128 25.94 3.63 -20.08
N SER A 129 25.09 4.26 -19.26
CA SER A 129 23.88 4.89 -19.76
C SER A 129 23.85 6.39 -19.47
N GLY A 130 24.97 6.96 -19.01
CA GLY A 130 25.08 8.39 -18.82
C GLY A 130 24.87 8.88 -17.41
N THR A 131 24.36 8.04 -16.52
CA THR A 131 24.06 8.44 -15.15
C THR A 131 24.87 7.60 -14.16
N ALA A 132 24.99 8.11 -12.94
CA ALA A 132 25.72 7.44 -11.87
C ALA A 132 25.04 7.74 -10.55
N SER A 133 24.65 6.69 -9.83
CA SER A 133 23.95 6.83 -8.57
C SER A 133 24.79 6.24 -7.44
N VAL A 134 24.99 7.03 -6.39
CA VAL A 134 25.71 6.61 -5.20
C VAL A 134 24.71 6.50 -4.06
N VAL A 135 24.72 5.36 -3.38
CA VAL A 135 23.72 5.03 -2.37
C VAL A 135 24.38 4.96 -1.00
N CYS A 136 23.75 5.57 0.00
CA CYS A 136 24.19 5.49 1.38
C CYS A 136 23.02 5.02 2.24
N LEU A 137 23.24 3.96 3.02
CA LEU A 137 22.20 3.34 3.82
C LEU A 137 22.52 3.50 5.31
N LEU A 138 21.53 3.94 6.07
CA LEU A 138 21.59 4.03 7.52
C LEU A 138 20.64 2.98 8.08
N ASN A 139 21.18 1.94 8.70
CA ASN A 139 20.41 0.76 9.06
C ASN A 139 20.19 0.69 10.57
N ASN A 140 18.95 0.44 10.97
CA ASN A 140 18.59 0.15 12.36
C ASN A 140 19.08 1.22 13.34
N PHE A 141 18.37 2.34 13.41
CA PHE A 141 18.72 3.40 14.34
C PHE A 141 17.45 3.94 14.98
N TYR A 142 17.62 4.55 16.16
CA TYR A 142 16.55 5.17 16.90
C TYR A 142 17.14 6.32 17.70
N PRO A 143 16.51 7.50 17.72
CA PRO A 143 15.25 7.82 17.03
C PRO A 143 15.41 8.06 15.52
N ARG A 144 14.35 8.56 14.88
CA ARG A 144 14.30 8.67 13.43
C ARG A 144 15.12 9.85 12.89
N GLU A 145 15.44 10.84 13.72
CA GLU A 145 16.11 12.04 13.25
C GLU A 145 17.57 11.72 12.96
N ALA A 146 17.96 11.78 11.68
CA ALA A 146 19.32 11.55 11.27
C ALA A 146 19.69 12.53 10.17
N LYS A 147 20.98 12.86 10.08
CA LYS A 147 21.49 13.80 9.10
C LYS A 147 22.46 13.07 8.18
N VAL A 148 22.27 13.23 6.88
CA VAL A 148 23.09 12.58 5.86
C VAL A 148 23.64 13.67 4.94
N GLN A 149 24.96 13.87 4.99
CA GLN A 149 25.64 14.84 4.14
C GLN A 149 26.46 14.10 3.10
N TRP A 150 26.35 14.54 1.86
CA TRP A 150 27.13 13.98 0.75
C TRP A 150 28.34 14.86 0.49
N LYS A 151 29.52 14.25 0.48
CA LYS A 151 30.77 14.95 0.19
C LYS A 151 31.48 14.23 -0.95
N VAL A 152 32.00 15.00 -1.90
CA VAL A 152 32.82 14.46 -2.97
C VAL A 152 34.05 15.36 -3.10
N ASP A 153 35.23 14.77 -2.90
CA ASP A 153 36.47 15.53 -2.77
C ASP A 153 36.34 16.62 -1.71
N ASN A 154 35.67 16.26 -0.61
CA ASN A 154 35.44 17.14 0.54
C ASN A 154 34.61 18.37 0.21
N ALA A 155 33.86 18.33 -0.90
CA ALA A 155 32.94 19.40 -1.26
C ALA A 155 31.52 18.97 -0.93
N LEU A 156 30.79 19.83 -0.24
CA LEU A 156 29.44 19.50 0.21
C LEU A 156 28.47 19.50 -0.97
N GLN A 157 27.68 18.44 -1.09
CA GLN A 157 26.72 18.29 -2.16
C GLN A 157 25.31 18.66 -1.68
N SER A 158 24.51 19.17 -2.60
CA SER A 158 23.15 19.59 -2.28
C SER A 158 22.32 19.62 -3.55
N GLY A 159 21.02 19.42 -3.40
CA GLY A 159 20.10 19.45 -4.52
C GLY A 159 20.27 18.33 -5.52
N ASN A 160 21.18 17.39 -5.29
CA ASN A 160 21.38 16.26 -6.18
C ASN A 160 21.25 14.93 -5.45
N SER A 161 20.53 14.91 -4.33
CA SER A 161 20.36 13.69 -3.54
C SER A 161 18.91 13.57 -3.08
N GLN A 162 18.48 12.33 -2.89
CA GLN A 162 17.12 12.03 -2.45
C GLN A 162 17.17 10.99 -1.34
N GLU A 163 16.32 11.19 -0.33
CA GLU A 163 16.27 10.30 0.82
C GLU A 163 14.93 9.57 0.88
N SER A 164 14.94 8.45 1.58
CA SER A 164 13.74 7.64 1.79
C SER A 164 13.94 6.85 3.07
N VAL A 165 12.92 6.83 3.93
CA VAL A 165 13.02 6.22 5.25
C VAL A 165 11.94 5.16 5.38
N THR A 166 12.30 4.04 6.01
CA THR A 166 11.32 3.01 6.35
C THR A 166 10.56 3.43 7.61
N GLU A 167 9.34 2.91 7.73
CA GLU A 167 8.60 3.14 8.96
C GLU A 167 9.19 2.31 10.09
N GLN A 168 8.73 2.59 11.31
CA GLN A 168 9.28 1.93 12.49
C GLN A 168 9.11 0.42 12.37
N ASP A 169 10.23 -0.29 12.53
CA ASP A 169 10.22 -1.75 12.40
C ASP A 169 9.31 -2.38 13.44
N SER A 170 8.71 -3.51 13.05
CA SER A 170 7.75 -4.19 13.92
C SER A 170 8.42 -5.05 14.99
N LYS A 171 9.66 -5.47 14.76
CA LYS A 171 10.36 -6.37 15.68
C LYS A 171 11.26 -5.63 16.67
N ASP A 172 12.17 -4.79 16.18
CA ASP A 172 13.08 -4.05 17.04
C ASP A 172 12.73 -2.58 17.20
N SER A 173 11.74 -2.09 16.45
CA SER A 173 11.28 -0.70 16.56
C SER A 173 12.40 0.30 16.26
N THR A 174 13.13 0.04 15.17
CA THR A 174 14.19 0.92 14.70
C THR A 174 13.84 1.44 13.31
N TYR A 175 14.63 2.39 12.84
CA TYR A 175 14.40 3.04 11.55
C TYR A 175 15.57 2.76 10.61
N SER A 176 15.30 2.95 9.31
CA SER A 176 16.31 2.79 8.28
C SER A 176 16.12 3.88 7.22
N LEU A 177 17.22 4.44 6.75
CA LEU A 177 17.18 5.52 5.77
C LEU A 177 18.10 5.17 4.61
N SER A 178 17.71 5.60 3.42
CA SER A 178 18.51 5.41 2.21
C SER A 178 18.63 6.75 1.49
N SER A 179 19.85 7.11 1.11
CA SER A 179 20.11 8.34 0.38
C SER A 179 20.78 8.00 -0.94
N THR A 180 20.34 8.66 -2.01
CA THR A 180 20.84 8.41 -3.35
C THR A 180 21.40 9.71 -3.93
N LEU A 181 22.70 9.71 -4.21
CA LEU A 181 23.36 10.82 -4.88
C LEU A 181 23.41 10.53 -6.37
N THR A 182 22.74 11.35 -7.17
CA THR A 182 22.60 11.13 -8.60
C THR A 182 23.43 12.15 -9.37
N LEU A 183 24.43 11.66 -10.10
CA LEU A 183 25.30 12.51 -10.91
C LEU A 183 25.32 11.98 -12.34
N SER A 184 25.82 12.82 -13.24
CA SER A 184 26.12 12.33 -14.57
C SER A 184 27.45 11.59 -14.56
N LYS A 185 27.65 10.73 -15.57
CA LYS A 185 28.89 9.96 -15.61
C LYS A 185 30.09 10.88 -15.83
N ALA A 186 29.91 11.95 -16.61
CA ALA A 186 31.00 12.90 -16.81
C ALA A 186 31.36 13.59 -15.50
N ASP A 187 30.36 14.01 -14.73
CA ASP A 187 30.63 14.63 -13.44
C ASP A 187 31.11 13.61 -12.42
N TYR A 188 30.71 12.35 -12.56
CA TYR A 188 31.25 11.30 -11.70
C TYR A 188 32.71 10.97 -12.02
N GLU A 189 33.15 11.27 -13.24
CA GLU A 189 34.53 10.96 -13.64
C GLU A 189 35.51 12.01 -13.14
N LYS A 190 35.09 13.28 -13.09
CA LYS A 190 35.96 14.38 -12.68
C LYS A 190 36.24 14.39 -11.18
N HIS A 191 35.94 13.34 -10.42
CA HIS A 191 36.10 13.38 -8.97
C HIS A 191 36.51 12.00 -8.47
N LYS A 192 37.24 11.98 -7.36
CA LYS A 192 37.82 10.73 -6.86
C LYS A 192 37.05 10.18 -5.65
N VAL A 193 37.15 10.85 -4.50
CA VAL A 193 36.62 10.31 -3.25
C VAL A 193 35.14 10.68 -3.13
N TYR A 194 34.36 9.75 -2.60
CA TYR A 194 32.92 9.92 -2.43
C TYR A 194 32.55 9.46 -1.03
N ALA A 195 32.13 10.39 -0.19
CA ALA A 195 31.91 10.13 1.23
C ALA A 195 30.47 10.42 1.62
N CYS A 196 30.00 9.70 2.63
CA CYS A 196 28.66 9.87 3.18
C CYS A 196 28.80 10.06 4.69
N GLU A 197 28.57 11.28 5.17
CA GLU A 197 28.73 11.63 6.57
C GLU A 197 27.37 11.58 7.26
N VAL A 198 27.32 10.87 8.38
CA VAL A 198 26.05 10.59 9.08
C VAL A 198 26.14 11.15 10.49
N THR A 199 25.15 11.97 10.84
CA THR A 199 25.04 12.55 12.19
C THR A 199 23.81 11.96 12.88
N HIS A 200 24.04 11.28 14.00
CA HIS A 200 22.96 10.68 14.77
C HIS A 200 23.33 10.72 16.25
N GLN A 201 22.29 10.81 17.09
CA GLN A 201 22.51 10.96 18.53
C GLN A 201 23.14 9.72 19.15
N GLY A 202 23.02 8.56 18.51
CA GLY A 202 23.65 7.36 19.00
C GLY A 202 25.13 7.27 18.76
N LEU A 203 25.69 8.21 18.00
CA LEU A 203 27.12 8.26 17.71
C LEU A 203 27.76 9.40 18.49
N SER A 204 28.99 9.18 18.96
CA SER A 204 29.70 10.23 19.67
C SER A 204 30.03 11.41 18.75
N SER A 205 30.34 11.11 17.48
CA SER A 205 30.64 12.12 16.49
C SER A 205 30.27 11.55 15.12
N PRO A 206 30.06 12.41 14.13
CA PRO A 206 29.65 11.94 12.80
C PRO A 206 30.51 10.79 12.27
N VAL A 207 29.86 9.83 11.64
CA VAL A 207 30.52 8.67 11.04
C VAL A 207 30.49 8.83 9.53
N THR A 208 31.65 8.71 8.90
CA THR A 208 31.80 8.94 7.47
C THR A 208 32.28 7.66 6.79
N LYS A 209 31.49 7.16 5.85
CA LYS A 209 31.87 6.04 5.00
C LYS A 209 32.17 6.56 3.61
N SER A 210 33.31 6.13 3.05
CA SER A 210 33.77 6.67 1.78
C SER A 210 34.42 5.58 0.95
N PHE A 211 34.62 5.89 -0.33
CA PHE A 211 35.35 5.03 -1.25
C PHE A 211 36.03 5.90 -2.30
N ASN A 212 36.87 5.26 -3.11
CA ASN A 212 37.59 5.93 -4.18
C ASN A 212 37.17 5.33 -5.52
N ARG A 213 36.98 6.19 -6.51
CA ARG A 213 36.65 5.73 -7.86
C ARG A 213 37.87 5.21 -8.58
N GLU B 1 -33.88 -17.43 -12.72
CA GLU B 1 -34.44 -16.76 -13.89
C GLU B 1 -34.07 -15.28 -13.88
N VAL B 2 -33.71 -14.75 -12.72
CA VAL B 2 -33.27 -13.37 -12.61
C VAL B 2 -31.96 -13.20 -13.38
N GLN B 3 -31.96 -12.29 -14.36
CA GLN B 3 -30.80 -12.10 -15.21
C GLN B 3 -30.66 -10.63 -15.56
N LEU B 4 -29.40 -10.17 -15.64
CA LEU B 4 -29.07 -8.79 -16.00
C LEU B 4 -27.81 -8.85 -16.87
N VAL B 5 -28.00 -8.75 -18.18
CA VAL B 5 -26.91 -8.95 -19.14
C VAL B 5 -26.45 -7.58 -19.64
N GLU B 6 -25.19 -7.26 -19.38
CA GLU B 6 -24.60 -6.01 -19.84
C GLU B 6 -24.08 -6.15 -21.27
N SER B 7 -24.01 -5.03 -21.97
CA SER B 7 -23.48 -5.00 -23.33
C SER B 7 -23.11 -3.57 -23.69
N GLY B 8 -22.29 -3.44 -24.73
CA GLY B 8 -21.88 -2.14 -25.23
C GLY B 8 -20.44 -1.77 -24.95
N GLY B 9 -19.70 -2.59 -24.21
CA GLY B 9 -18.32 -2.27 -23.92
C GLY B 9 -17.42 -2.42 -25.11
N GLY B 10 -16.20 -1.89 -24.96
CA GLY B 10 -15.21 -1.96 -26.02
C GLY B 10 -14.17 -0.88 -25.84
N VAL B 11 -13.31 -0.77 -26.84
CA VAL B 11 -12.25 0.23 -26.86
C VAL B 11 -12.80 1.55 -27.37
N VAL B 12 -12.43 2.64 -26.71
CA VAL B 12 -12.89 3.97 -27.09
C VAL B 12 -11.78 4.96 -26.80
N GLN B 13 -11.55 5.87 -27.75
CA GLN B 13 -10.51 6.87 -27.60
C GLN B 13 -10.89 7.87 -26.50
N PRO B 14 -9.89 8.47 -25.84
CA PRO B 14 -10.20 9.46 -24.80
C PRO B 14 -10.91 10.67 -25.37
N GLY B 15 -11.85 11.21 -24.60
CA GLY B 15 -12.65 12.33 -25.03
C GLY B 15 -13.89 11.98 -25.82
N ARG B 16 -13.97 10.75 -26.33
CA ARG B 16 -15.13 10.32 -27.10
C ARG B 16 -16.14 9.64 -26.18
N SER B 17 -17.25 9.19 -26.76
CA SER B 17 -18.37 8.69 -25.99
C SER B 17 -18.63 7.22 -26.27
N LEU B 18 -19.33 6.58 -25.34
CA LEU B 18 -19.73 5.18 -25.48
C LEU B 18 -20.99 4.96 -24.65
N ARG B 19 -21.86 4.09 -25.15
CA ARG B 19 -23.14 3.80 -24.51
C ARG B 19 -23.20 2.33 -24.13
N LEU B 20 -23.56 2.06 -22.87
CA LEU B 20 -23.71 0.71 -22.37
C LEU B 20 -25.19 0.39 -22.16
N SER B 21 -25.54 -0.88 -22.35
CA SER B 21 -26.91 -1.35 -22.21
C SER B 21 -26.98 -2.46 -21.17
N CYS B 22 -28.19 -2.68 -20.68
CA CYS B 22 -28.44 -3.75 -19.70
C CYS B 22 -29.84 -4.30 -19.92
N ALA B 23 -29.92 -5.58 -20.27
CA ALA B 23 -31.19 -6.27 -20.44
C ALA B 23 -31.55 -6.99 -19.14
N ALA B 24 -32.78 -6.80 -18.68
CA ALA B 24 -33.24 -7.34 -17.40
C ALA B 24 -34.43 -8.27 -17.61
N SER B 25 -34.45 -9.35 -16.83
CA SER B 25 -35.57 -10.29 -16.84
C SER B 25 -35.55 -11.07 -15.54
N GLY B 26 -36.62 -11.83 -15.31
CA GLY B 26 -36.74 -12.64 -14.11
C GLY B 26 -37.22 -11.89 -12.89
N PHE B 27 -37.54 -10.61 -13.00
CA PHE B 27 -38.07 -9.85 -11.88
C PHE B 27 -38.85 -8.66 -12.43
N THR B 28 -39.66 -8.06 -11.56
CA THR B 28 -40.44 -6.88 -11.91
C THR B 28 -39.48 -5.70 -12.05
N PHE B 29 -39.05 -5.43 -13.28
CA PHE B 29 -37.99 -4.46 -13.52
C PHE B 29 -38.40 -3.05 -13.07
N SER B 30 -39.65 -2.67 -13.32
CA SER B 30 -40.12 -1.34 -12.95
C SER B 30 -40.32 -1.15 -11.45
N SER B 31 -39.98 -2.14 -10.63
CA SER B 31 -40.14 -2.05 -9.19
C SER B 31 -38.81 -1.98 -8.45
N TYR B 32 -37.70 -1.86 -9.17
CA TYR B 32 -36.38 -1.83 -8.56
C TYR B 32 -35.60 -0.61 -9.02
N GLY B 33 -34.90 0.03 -8.09
CA GLY B 33 -33.93 1.04 -8.46
C GLY B 33 -32.70 0.38 -9.05
N MET B 34 -32.22 0.90 -10.18
CA MET B 34 -31.12 0.30 -10.90
C MET B 34 -29.84 1.09 -10.69
N HIS B 35 -28.72 0.40 -10.74
CA HIS B 35 -27.40 0.99 -10.54
C HIS B 35 -26.44 0.53 -11.62
N TRP B 36 -25.44 1.35 -11.89
CA TRP B 36 -24.28 0.96 -12.68
C TRP B 36 -23.08 0.94 -11.75
N VAL B 37 -22.43 -0.21 -11.63
CA VAL B 37 -21.25 -0.38 -10.80
C VAL B 37 -20.08 -0.75 -11.70
N ARG B 38 -18.88 -0.35 -11.27
CA ARG B 38 -17.68 -0.61 -12.05
C ARG B 38 -16.53 -0.97 -11.11
N GLN B 39 -15.52 -1.64 -11.68
CA GLN B 39 -14.32 -2.01 -10.94
C GLN B 39 -13.11 -1.74 -11.84
N ALA B 40 -12.29 -0.79 -11.45
CA ALA B 40 -11.07 -0.49 -12.18
C ALA B 40 -9.93 -1.36 -11.68
N PRO B 41 -8.88 -1.55 -12.48
CA PRO B 41 -7.74 -2.34 -12.02
C PRO B 41 -7.11 -1.74 -10.77
N GLY B 42 -6.91 -2.58 -9.75
CA GLY B 42 -6.30 -2.14 -8.52
C GLY B 42 -7.19 -1.34 -7.60
N LYS B 43 -8.48 -1.23 -7.90
CA LYS B 43 -9.41 -0.44 -7.10
C LYS B 43 -10.64 -1.28 -6.77
N GLU B 44 -11.31 -0.88 -5.70
CA GLU B 44 -12.50 -1.60 -5.25
C GLU B 44 -13.71 -1.21 -6.09
N LEU B 45 -14.85 -1.83 -5.77
CA LEU B 45 -16.10 -1.51 -6.45
C LEU B 45 -16.42 -0.03 -6.31
N GLU B 46 -16.96 0.55 -7.37
CA GLU B 46 -17.35 1.96 -7.38
C GLU B 46 -18.73 2.09 -8.00
N TRP B 47 -19.67 2.63 -7.23
CA TRP B 47 -21.00 2.92 -7.74
C TRP B 47 -21.00 4.29 -8.40
N VAL B 48 -21.30 4.33 -9.69
CA VAL B 48 -21.13 5.56 -10.46
C VAL B 48 -22.46 6.23 -10.74
N ALA B 49 -23.54 5.45 -10.79
CA ALA B 49 -24.84 6.01 -11.17
C ALA B 49 -25.96 5.17 -10.58
N VAL B 50 -27.08 5.84 -10.31
CA VAL B 50 -28.30 5.18 -9.84
C VAL B 50 -29.49 5.93 -10.44
N ILE B 51 -30.54 5.18 -10.76
CA ILE B 51 -31.80 5.75 -11.24
C ILE B 51 -32.94 5.08 -10.48
N SER B 52 -33.91 5.88 -10.05
CA SER B 52 -35.01 5.36 -9.25
C SER B 52 -35.85 4.39 -10.07
N TYR B 53 -36.76 3.69 -9.37
CA TYR B 53 -37.57 2.66 -10.01
C TYR B 53 -38.41 3.23 -11.15
N ASP B 54 -38.89 4.47 -11.00
CA ASP B 54 -39.71 5.09 -12.02
C ASP B 54 -38.91 5.96 -12.97
N GLY B 55 -37.62 6.17 -12.71
CA GLY B 55 -36.79 6.99 -13.57
C GLY B 55 -36.76 8.46 -13.25
N SER B 56 -37.39 8.89 -12.15
CA SER B 56 -37.46 10.31 -11.84
C SER B 56 -36.12 10.84 -11.32
N ILE B 57 -35.48 10.09 -10.42
CA ILE B 57 -34.29 10.56 -9.72
C ILE B 57 -33.06 9.85 -10.28
N LYS B 58 -32.00 10.61 -10.50
CA LYS B 58 -30.73 10.08 -10.99
C LYS B 58 -29.60 10.73 -10.20
N TYR B 59 -28.89 9.93 -9.40
CA TYR B 59 -27.71 10.39 -8.68
C TYR B 59 -26.46 9.77 -9.28
N TYR B 60 -25.39 10.56 -9.34
CA TYR B 60 -24.12 10.13 -9.91
C TYR B 60 -23.02 10.30 -8.87
N ALA B 61 -21.94 9.55 -9.05
CA ALA B 61 -20.73 9.76 -8.27
C ALA B 61 -20.01 11.00 -8.79
N ASP B 62 -19.27 11.65 -7.88
CA ASP B 62 -18.47 12.80 -8.29
C ASP B 62 -17.45 12.41 -9.35
N SER B 63 -17.02 11.14 -9.36
CA SER B 63 -16.06 10.67 -10.36
C SER B 63 -16.57 10.88 -11.77
N VAL B 64 -17.88 10.83 -11.99
CA VAL B 64 -18.46 10.82 -13.32
C VAL B 64 -19.49 11.93 -13.52
N LYS B 65 -19.65 12.81 -12.53
CA LYS B 65 -20.65 13.87 -12.61
C LYS B 65 -20.43 14.74 -13.86
N GLY B 66 -21.51 15.03 -14.57
CA GLY B 66 -21.45 15.86 -15.76
C GLY B 66 -20.90 15.19 -16.99
N ARG B 67 -20.60 13.89 -16.94
CA ARG B 67 -20.08 13.18 -18.10
C ARG B 67 -20.91 11.94 -18.39
N PHE B 68 -21.43 11.31 -17.35
CA PHE B 68 -22.22 10.10 -17.49
C PHE B 68 -23.70 10.41 -17.32
N THR B 69 -24.55 9.65 -18.02
CA THR B 69 -25.99 9.80 -17.93
C THR B 69 -26.64 8.43 -17.91
N ILE B 70 -27.39 8.15 -16.86
CA ILE B 70 -28.09 6.87 -16.70
C ILE B 70 -29.55 7.07 -17.06
N SER B 71 -30.13 6.08 -17.73
CA SER B 71 -31.55 6.12 -18.11
C SER B 71 -32.08 4.70 -18.17
N ARG B 72 -33.40 4.58 -18.28
CA ARG B 72 -34.04 3.28 -18.29
C ARG B 72 -35.36 3.37 -19.07
N ASP B 73 -35.75 2.24 -19.66
CA ASP B 73 -37.04 2.08 -20.32
C ASP B 73 -37.77 0.94 -19.63
N ASN B 74 -38.79 1.28 -18.84
CA ASN B 74 -39.59 0.29 -18.12
C ASN B 74 -40.60 -0.42 -19.02
N SER B 75 -40.65 -0.08 -20.31
CA SER B 75 -41.45 -0.84 -21.25
C SER B 75 -40.64 -1.86 -22.04
N LYS B 76 -39.31 -1.74 -22.03
CA LYS B 76 -38.43 -2.68 -22.72
C LYS B 76 -37.56 -3.47 -21.77
N ASN B 77 -37.60 -3.17 -20.46
CA ASN B 77 -36.75 -3.81 -19.46
C ASN B 77 -35.27 -3.60 -19.79
N THR B 78 -34.90 -2.35 -20.03
CA THR B 78 -33.54 -2.00 -20.42
C THR B 78 -33.01 -0.87 -19.54
N LEU B 79 -31.69 -0.90 -19.33
CA LEU B 79 -30.98 0.14 -18.60
C LEU B 79 -29.80 0.62 -19.43
N TYR B 80 -29.55 1.92 -19.41
CA TYR B 80 -28.53 2.53 -20.27
C TYR B 80 -27.61 3.42 -19.45
N LEU B 81 -26.38 3.55 -19.94
CA LEU B 81 -25.38 4.45 -19.35
C LEU B 81 -24.62 5.12 -20.49
N GLN B 82 -24.87 6.40 -20.70
CA GLN B 82 -24.20 7.17 -21.74
C GLN B 82 -22.95 7.83 -21.14
N MET B 83 -21.79 7.36 -21.55
CA MET B 83 -20.52 7.85 -21.03
C MET B 83 -19.89 8.78 -22.07
N ASN B 84 -19.78 10.06 -21.73
CA ASN B 84 -19.16 11.06 -22.58
C ASN B 84 -17.85 11.54 -21.97
N SER B 85 -16.96 12.04 -22.84
CA SER B 85 -15.66 12.56 -22.44
C SER B 85 -14.91 11.55 -21.57
N LEU B 86 -14.73 10.36 -22.12
CA LEU B 86 -14.15 9.26 -21.35
C LEU B 86 -12.67 9.52 -21.07
N ARG B 87 -12.25 9.20 -19.86
CA ARG B 87 -10.88 9.39 -19.40
C ARG B 87 -10.25 8.05 -19.06
N ALA B 88 -8.97 8.08 -18.68
CA ALA B 88 -8.27 6.85 -18.33
C ALA B 88 -8.87 6.19 -17.10
N GLU B 89 -9.40 6.99 -16.16
CA GLU B 89 -10.00 6.45 -14.95
C GLU B 89 -11.31 5.72 -15.22
N ASP B 90 -11.91 5.91 -16.40
CA ASP B 90 -13.14 5.20 -16.75
C ASP B 90 -12.89 3.78 -17.24
N THR B 91 -11.65 3.43 -17.55
CA THR B 91 -11.31 2.06 -17.93
C THR B 91 -11.60 1.11 -16.78
N ALA B 92 -12.63 0.28 -16.93
CA ALA B 92 -13.06 -0.60 -15.85
C ALA B 92 -14.04 -1.61 -16.42
N VAL B 93 -14.34 -2.63 -15.63
CA VAL B 93 -15.42 -3.57 -15.93
C VAL B 93 -16.70 -3.04 -15.31
N TYR B 94 -17.74 -2.90 -16.13
CA TYR B 94 -18.98 -2.26 -15.71
C TYR B 94 -20.07 -3.30 -15.50
N TYR B 95 -20.83 -3.14 -14.43
CA TYR B 95 -21.87 -4.09 -14.04
C TYR B 95 -23.23 -3.39 -13.95
N CYS B 96 -24.27 -4.16 -14.19
CA CYS B 96 -25.65 -3.75 -14.03
C CYS B 96 -26.21 -4.45 -12.80
N ALA B 97 -26.71 -3.68 -11.84
CA ALA B 97 -27.07 -4.26 -10.55
C ALA B 97 -28.27 -3.54 -9.95
N ARG B 98 -28.95 -4.26 -9.04
CA ARG B 98 -30.05 -3.69 -8.28
C ARG B 98 -29.64 -3.21 -6.89
N THR B 99 -28.48 -3.63 -6.39
CA THR B 99 -28.04 -3.30 -5.05
C THR B 99 -27.06 -2.13 -5.09
N GLY B 100 -27.23 -1.19 -4.16
CA GLY B 100 -26.37 -0.04 -4.07
C GLY B 100 -25.18 -0.25 -3.14
N GLU B 101 -24.41 0.81 -2.97
CA GLU B 101 -23.21 0.75 -2.13
C GLU B 101 -23.58 0.49 -0.67
N TYR B 102 -24.65 1.11 -0.19
CA TYR B 102 -25.09 0.96 1.19
C TYR B 102 -26.19 -0.08 1.34
N SER B 103 -26.11 -1.16 0.56
CA SER B 103 -27.15 -2.19 0.61
C SER B 103 -27.17 -2.93 1.95
N GLY B 104 -26.02 -3.01 2.63
CA GLY B 104 -25.92 -3.73 3.87
C GLY B 104 -25.46 -5.18 3.72
N TYR B 105 -25.21 -5.64 2.50
CA TYR B 105 -24.81 -7.03 2.28
C TYR B 105 -23.44 -7.29 2.91
N ASP B 106 -23.29 -8.49 3.48
CA ASP B 106 -22.02 -8.93 4.03
C ASP B 106 -21.23 -9.81 3.07
N THR B 107 -21.81 -10.15 1.91
CA THR B 107 -21.15 -10.95 0.89
C THR B 107 -20.93 -10.11 -0.35
N ASP B 108 -19.84 -10.39 -1.05
CA ASP B 108 -19.46 -9.71 -2.29
C ASP B 108 -20.62 -9.75 -3.28
N PRO B 109 -21.28 -8.60 -3.53
CA PRO B 109 -22.40 -8.61 -4.48
C PRO B 109 -21.98 -8.80 -5.92
N GLN B 110 -20.71 -8.54 -6.25
CA GLN B 110 -20.25 -8.73 -7.61
C GLN B 110 -20.37 -10.19 -8.05
N TYR B 111 -20.38 -11.12 -7.10
CA TYR B 111 -20.49 -12.54 -7.43
C TYR B 111 -21.80 -12.87 -8.15
N SER B 112 -22.82 -12.04 -7.99
CA SER B 112 -24.11 -12.26 -8.64
C SER B 112 -24.28 -11.43 -9.90
N TRP B 113 -23.23 -10.75 -10.36
CA TRP B 113 -23.34 -9.84 -11.48
C TRP B 113 -22.75 -10.39 -12.78
N GLY B 114 -22.10 -11.56 -12.74
CA GLY B 114 -21.58 -12.15 -13.96
C GLY B 114 -20.33 -11.45 -14.47
N GLN B 115 -20.12 -11.53 -15.78
CA GLN B 115 -18.92 -10.96 -16.39
C GLN B 115 -19.04 -9.45 -16.57
N GLY B 116 -20.26 -8.92 -16.68
CA GLY B 116 -20.41 -7.51 -16.94
C GLY B 116 -20.01 -7.16 -18.36
N THR B 117 -19.56 -5.92 -18.54
CA THR B 117 -19.08 -5.45 -19.83
C THR B 117 -17.84 -4.59 -19.61
N THR B 118 -16.86 -4.72 -20.51
CA THR B 118 -15.54 -4.13 -20.32
C THR B 118 -15.39 -2.89 -21.18
N VAL B 119 -14.98 -1.79 -20.55
CA VAL B 119 -14.71 -0.53 -21.24
C VAL B 119 -13.22 -0.24 -21.10
N THR B 120 -12.54 -0.10 -22.23
CA THR B 120 -11.09 0.14 -22.27
C THR B 120 -10.84 1.44 -23.02
N VAL B 121 -10.37 2.45 -22.29
CA VAL B 121 -9.98 3.72 -22.90
C VAL B 121 -8.51 3.63 -23.29
N SER B 122 -8.23 3.79 -24.58
CA SER B 122 -6.88 3.63 -25.09
C SER B 122 -5.99 4.79 -24.63
N GLY B 123 -4.67 4.56 -24.69
CA GLY B 123 -3.70 5.54 -24.28
C GLY B 123 -3.15 5.35 -22.88
N GLY B 124 -3.54 4.29 -22.18
CA GLY B 124 -3.06 4.05 -20.83
C GLY B 124 -1.76 3.30 -20.78
N SER B 125 -0.88 3.54 -21.75
CA SER B 125 0.42 2.89 -21.80
C SER B 125 1.53 3.77 -22.36
N ALA B 126 1.24 4.98 -22.84
CA ALA B 126 2.27 5.81 -23.44
C ALA B 126 3.33 6.22 -22.43
N SER B 127 2.91 6.50 -21.20
CA SER B 127 3.83 6.93 -20.15
C SER B 127 4.42 5.75 -19.37
N THR B 128 3.98 4.53 -19.66
CA THR B 128 4.49 3.37 -18.93
C THR B 128 5.94 3.11 -19.28
N LYS B 129 6.78 3.03 -18.25
CA LYS B 129 8.21 2.75 -18.42
C LYS B 129 8.59 1.58 -17.51
N GLY B 130 9.37 0.66 -18.06
CA GLY B 130 9.88 -0.46 -17.29
C GLY B 130 11.12 -0.09 -16.52
N PRO B 131 11.36 -0.77 -15.40
CA PRO B 131 12.48 -0.41 -14.53
C PRO B 131 13.80 -1.01 -15.02
N SER B 132 14.88 -0.38 -14.57
CA SER B 132 16.23 -0.91 -14.71
C SER B 132 16.76 -1.25 -13.33
N VAL B 133 17.24 -2.48 -13.16
CA VAL B 133 17.71 -2.97 -11.87
C VAL B 133 19.23 -2.98 -11.86
N PHE B 134 19.81 -2.34 -10.86
CA PHE B 134 21.26 -2.28 -10.69
C PHE B 134 21.66 -2.81 -9.32
N PRO B 135 22.81 -3.48 -9.22
CA PRO B 135 23.23 -4.05 -7.94
C PRO B 135 23.77 -2.98 -6.99
N LEU B 136 23.76 -3.33 -5.70
CA LEU B 136 24.27 -2.48 -4.64
C LEU B 136 25.23 -3.33 -3.78
N ALA B 137 26.54 -3.11 -3.96
CA ALA B 137 27.56 -3.86 -3.25
C ALA B 137 28.66 -2.90 -2.79
N PRO B 138 29.14 -3.06 -1.57
CA PRO B 138 30.20 -2.17 -1.08
C PRO B 138 31.49 -2.34 -1.86
N CYS B 139 32.22 -1.24 -1.99
CA CYS B 139 33.52 -1.26 -2.69
C CYS B 139 34.56 -2.00 -1.85
N SER B 140 34.68 -3.30 -2.07
CA SER B 140 35.60 -4.16 -1.32
C SER B 140 35.37 -4.06 0.18
N GLU B 145 30.55 -11.98 10.32
CA GLU B 145 29.81 -12.62 9.24
C GLU B 145 28.62 -11.77 8.81
N SER B 146 27.54 -11.81 9.59
CA SER B 146 26.32 -11.09 9.28
C SER B 146 26.43 -9.62 9.69
N THR B 147 27.35 -8.92 9.03
CA THR B 147 27.55 -7.50 9.26
C THR B 147 27.65 -6.70 7.96
N ALA B 148 27.54 -7.34 6.80
CA ALA B 148 27.62 -6.64 5.53
C ALA B 148 26.23 -6.28 5.03
N ALA B 149 26.16 -5.68 3.85
CA ALA B 149 24.89 -5.25 3.28
C ALA B 149 24.98 -5.27 1.76
N LEU B 150 23.88 -5.69 1.13
CA LEU B 150 23.72 -5.71 -0.31
C LEU B 150 22.37 -5.09 -0.65
N GLY B 151 22.08 -4.96 -1.95
CA GLY B 151 20.81 -4.38 -2.34
C GLY B 151 20.67 -4.28 -3.84
N CYS B 152 19.55 -3.71 -4.25
CA CYS B 152 19.21 -3.50 -5.65
C CYS B 152 18.63 -2.10 -5.81
N LEU B 153 18.97 -1.44 -6.92
CA LEU B 153 18.44 -0.12 -7.25
C LEU B 153 17.47 -0.28 -8.42
N VAL B 154 16.19 -0.01 -8.17
CA VAL B 154 15.14 -0.13 -9.17
C VAL B 154 14.83 1.28 -9.64
N LYS B 155 15.32 1.66 -10.81
CA LYS B 155 15.34 3.05 -11.25
C LYS B 155 14.58 3.23 -12.56
N ASP B 156 13.97 4.41 -12.70
CA ASP B 156 13.40 4.89 -13.96
C ASP B 156 12.24 4.03 -14.44
N TYR B 157 11.18 3.96 -13.65
CA TYR B 157 9.97 3.26 -14.03
C TYR B 157 8.76 4.16 -13.78
N PHE B 158 7.65 3.80 -14.41
CA PHE B 158 6.39 4.53 -14.28
C PHE B 158 5.26 3.67 -14.82
N PRO B 159 4.11 3.64 -14.15
CA PRO B 159 3.87 4.30 -12.87
C PRO B 159 4.15 3.38 -11.68
N GLU B 160 3.61 3.76 -10.52
CA GLU B 160 3.72 2.91 -9.34
C GLU B 160 2.71 1.78 -9.42
N PRO B 161 2.95 0.67 -8.70
CA PRO B 161 4.10 0.41 -7.83
C PRO B 161 5.13 -0.57 -8.36
N VAL B 162 6.22 -0.73 -7.60
CA VAL B 162 7.19 -1.79 -7.80
C VAL B 162 7.32 -2.55 -6.49
N THR B 163 7.34 -3.87 -6.58
CA THR B 163 7.53 -4.73 -5.42
C THR B 163 8.80 -5.56 -5.61
N VAL B 164 9.46 -5.87 -4.50
CA VAL B 164 10.75 -6.55 -4.51
C VAL B 164 10.74 -7.66 -3.48
N SER B 165 11.20 -8.84 -3.87
CA SER B 165 11.47 -9.95 -2.97
C SER B 165 12.95 -10.33 -3.12
N TRP B 166 13.40 -11.27 -2.29
CA TRP B 166 14.79 -11.70 -2.31
C TRP B 166 14.84 -13.22 -2.26
N ASN B 167 15.68 -13.80 -3.13
CA ASN B 167 15.84 -15.25 -3.23
C ASN B 167 14.49 -15.94 -3.41
N SER B 168 13.69 -15.39 -4.32
CA SER B 168 12.35 -15.90 -4.63
C SER B 168 11.46 -15.96 -3.39
N GLY B 169 11.65 -15.02 -2.47
CA GLY B 169 10.86 -14.97 -1.26
C GLY B 169 11.41 -15.75 -0.09
N ALA B 170 12.51 -16.48 -0.28
CA ALA B 170 13.07 -17.26 0.82
C ALA B 170 13.72 -16.35 1.87
N LEU B 171 14.36 -15.27 1.43
CA LEU B 171 15.00 -14.33 2.35
C LEU B 171 13.98 -13.31 2.83
N THR B 172 13.87 -13.16 4.15
CA THR B 172 12.91 -12.24 4.74
C THR B 172 13.58 -11.42 5.85
N SER B 173 14.36 -12.07 6.70
CA SER B 173 14.98 -11.39 7.83
C SER B 173 16.04 -10.41 7.36
N GLY B 174 15.95 -9.16 7.83
CA GLY B 174 16.94 -8.15 7.53
C GLY B 174 16.67 -7.34 6.27
N VAL B 175 15.60 -7.63 5.54
CA VAL B 175 15.29 -6.91 4.32
C VAL B 175 14.60 -5.59 4.65
N HIS B 176 15.03 -4.52 3.98
CA HIS B 176 14.41 -3.21 4.11
C HIS B 176 14.14 -2.67 2.71
N THR B 177 12.87 -2.69 2.31
CA THR B 177 12.45 -2.19 1.01
C THR B 177 11.88 -0.79 1.19
N PHE B 178 12.64 0.22 0.76
CA PHE B 178 12.31 1.60 1.00
C PHE B 178 11.18 2.07 0.09
N PRO B 179 10.36 3.02 0.56
CA PRO B 179 9.35 3.62 -0.33
C PRO B 179 10.00 4.29 -1.52
N ALA B 180 9.35 4.17 -2.67
CA ALA B 180 9.90 4.71 -3.90
C ALA B 180 9.94 6.23 -3.87
N VAL B 181 10.99 6.81 -4.46
CA VAL B 181 11.17 8.25 -4.55
C VAL B 181 10.82 8.70 -5.95
N LEU B 182 10.40 9.96 -6.06
CA LEU B 182 10.02 10.55 -7.34
C LEU B 182 11.18 11.42 -7.84
N GLN B 183 11.68 11.09 -9.03
CA GLN B 183 12.83 11.78 -9.58
C GLN B 183 12.40 13.04 -10.34
N SER B 184 13.39 13.86 -10.69
CA SER B 184 13.09 15.10 -11.41
C SER B 184 12.52 14.85 -12.80
N SER B 185 12.77 13.67 -13.38
CA SER B 185 12.27 13.35 -14.72
C SER B 185 10.81 12.92 -14.71
N GLY B 186 10.19 12.76 -13.54
CA GLY B 186 8.85 12.23 -13.44
C GLY B 186 8.77 10.73 -13.26
N LEU B 187 9.89 10.02 -13.33
CA LEU B 187 9.94 8.59 -13.13
C LEU B 187 10.31 8.28 -11.67
N TYR B 188 9.99 7.06 -11.26
CA TYR B 188 10.17 6.65 -9.87
C TYR B 188 11.43 5.79 -9.71
N SER B 189 11.90 5.71 -8.47
CA SER B 189 13.08 4.93 -8.13
C SER B 189 12.89 4.32 -6.75
N LEU B 190 13.23 3.04 -6.62
CA LEU B 190 13.08 2.31 -5.36
C LEU B 190 14.40 1.62 -5.03
N SER B 191 14.71 1.54 -3.74
CA SER B 191 15.90 0.86 -3.24
C SER B 191 15.49 -0.20 -2.24
N SER B 192 16.00 -1.43 -2.42
CA SER B 192 15.77 -2.52 -1.48
C SER B 192 17.12 -3.09 -1.07
N VAL B 193 17.33 -3.28 0.23
CA VAL B 193 18.62 -3.71 0.76
C VAL B 193 18.40 -4.86 1.73
N VAL B 194 19.49 -5.59 1.98
CA VAL B 194 19.49 -6.74 2.90
C VAL B 194 20.77 -6.69 3.73
N THR B 195 20.62 -6.92 5.03
CA THR B 195 21.77 -6.89 5.93
C THR B 195 22.15 -8.29 6.40
N GLY B 202 27.94 -12.95 4.19
CA GLY B 202 27.47 -14.30 4.44
C GLY B 202 28.02 -15.33 3.49
N THR B 203 27.26 -16.40 3.27
CA THR B 203 27.68 -17.48 2.37
C THR B 203 26.73 -17.69 1.20
N LYS B 204 25.43 -17.59 1.42
CA LYS B 204 24.46 -17.84 0.38
C LYS B 204 24.54 -16.77 -0.72
N THR B 205 23.89 -17.06 -1.83
CA THR B 205 23.76 -16.08 -2.91
C THR B 205 22.56 -15.17 -2.64
N TYR B 206 22.61 -13.98 -3.24
CA TYR B 206 21.59 -12.96 -3.01
C TYR B 206 21.09 -12.46 -4.35
N THR B 207 19.80 -12.65 -4.60
CA THR B 207 19.17 -12.24 -5.85
C THR B 207 17.86 -11.53 -5.53
N CYS B 208 17.73 -10.30 -6.00
CA CYS B 208 16.48 -9.56 -5.85
C CYS B 208 15.57 -9.83 -7.03
N ASN B 209 14.27 -9.99 -6.75
CA ASN B 209 13.27 -10.29 -7.76
C ASN B 209 12.31 -9.10 -7.83
N VAL B 210 12.42 -8.33 -8.91
CA VAL B 210 11.68 -7.08 -9.05
C VAL B 210 10.47 -7.30 -9.94
N ASP B 211 9.31 -6.87 -9.48
CA ASP B 211 8.05 -7.08 -10.20
C ASP B 211 7.38 -5.73 -10.42
N HIS B 212 7.22 -5.35 -11.69
CA HIS B 212 6.53 -4.12 -12.09
C HIS B 212 5.42 -4.51 -13.08
N LYS B 213 4.21 -4.67 -12.56
CA LYS B 213 3.09 -5.15 -13.38
C LYS B 213 2.62 -4.17 -14.45
N PRO B 214 2.60 -2.84 -14.23
CA PRO B 214 2.16 -1.94 -15.31
C PRO B 214 2.94 -2.12 -16.60
N SER B 215 4.22 -2.48 -16.52
CA SER B 215 5.00 -2.81 -17.70
C SER B 215 5.20 -4.32 -17.86
N ASN B 216 4.56 -5.12 -17.00
CA ASN B 216 4.73 -6.57 -16.98
C ASN B 216 6.20 -6.96 -16.97
N THR B 217 6.94 -6.36 -16.03
CA THR B 217 8.37 -6.56 -15.92
C THR B 217 8.68 -7.45 -14.72
N LYS B 218 9.46 -8.51 -14.96
CA LYS B 218 9.93 -9.40 -13.92
C LYS B 218 11.42 -9.62 -14.12
N VAL B 219 12.23 -9.04 -13.25
CA VAL B 219 13.69 -9.05 -13.39
C VAL B 219 14.29 -9.70 -12.16
N ASP B 220 15.09 -10.74 -12.37
CA ASP B 220 15.89 -11.36 -11.32
C ASP B 220 17.33 -10.89 -11.48
N LYS B 221 17.82 -10.12 -10.51
CA LYS B 221 19.16 -9.54 -10.57
C LYS B 221 19.96 -10.03 -9.37
N ARG B 222 20.97 -10.85 -9.63
CA ARG B 222 21.86 -11.30 -8.57
C ARG B 222 22.93 -10.25 -8.30
N VAL B 223 23.17 -10.00 -7.01
CA VAL B 223 24.14 -8.99 -6.58
C VAL B 223 25.45 -9.71 -6.25
N HIS B 224 26.53 -9.30 -6.91
CA HIS B 224 27.85 -9.86 -6.65
C HIS B 224 28.63 -8.97 -5.69
S SO4 C . -28.25 -7.79 -8.30
O1 SO4 C . -29.03 -7.02 -9.26
O2 SO4 C . -29.12 -8.26 -7.22
O3 SO4 C . -27.64 -8.94 -8.96
O4 SO4 C . -27.20 -6.94 -7.74
S SO4 D . -18.12 12.52 -29.21
O1 SO4 D . -19.20 13.43 -29.57
O2 SO4 D . -18.34 12.00 -27.86
O3 SO4 D . -18.10 11.39 -30.15
O4 SO4 D . -16.84 13.22 -29.27
S SO4 E . -19.50 9.78 -4.36
O1 SO4 E . -20.26 10.74 -5.16
O2 SO4 E . -20.22 9.53 -3.11
O3 SO4 E . -19.34 8.53 -5.09
O4 SO4 E . -18.18 10.33 -4.06
S SO4 F . 3.51 7.35 -4.21
O1 SO4 F . 2.83 8.61 -3.91
O2 SO4 F . 3.11 6.34 -3.24
O3 SO4 F . 3.14 6.91 -5.54
O4 SO4 F . 4.96 7.52 -4.15
S SO4 G . 2.22 -11.82 -12.43
O1 SO4 G . 2.08 -10.44 -12.00
O2 SO4 G . 0.94 -12.51 -12.28
O3 SO4 G . 2.62 -11.86 -13.84
O4 SO4 G . 3.23 -12.50 -11.62
#